data_2XA4
#
_entry.id   2XA4
#
_cell.length_a   43.854
_cell.length_b   126.741
_cell.length_c   134.342
_cell.angle_alpha   90.00
_cell.angle_beta   97.04
_cell.angle_gamma   90.00
#
_symmetry.space_group_name_H-M   'C 1 2 1'
#
loop_
_entity.id
_entity.type
_entity.pdbx_description
1 polymer 'TYROSINE-PROTEIN KINASE JAK2'
2 non-polymer 5-CHLORO-N2-[(1S)-1-(5-FLUOROPYRIMIDIN-2-YL)ETHYL]-N4-(5-METHYL-1H-PYRAZOL-3-YL)PYRIMIDINE-2,4-DIAMINE
3 water water
#
_entity_poly.entity_id   1
_entity_poly.type   'polypeptide(L)'
_entity_poly.pdbx_seq_one_letter_code
;AFEDRDPTQFEERHLKFLQQLGKGNFGSVEMCRYDPLQDNTGEVVAVKKLQHSTEEHLRDFEREIEILKSLQHDNIVKYK
GVCYSAGRRNLKLIMEYLPYGSLRDYLQAHAERIDHIKLLQYTSQICKGMEYLGTKRYIHRDLATRNILVENENRVKIGD
FGLTKVLPQDKE(PTR)(PTR)KVKEPGESPIFWYAPESLTESKFSVASDVWSFGVVLYELFTYIEKSKSPPAEFMRMIG
NDKQGQMIVFHLIELLKNNGRLPRPDGCPDEIYMIMTECWNNNVNQRPSFRDLALRVDQIRDNMAG
;
_entity_poly.pdbx_strand_id   A,B
#
loop_
_chem_comp.id
_chem_comp.type
_chem_comp.name
_chem_comp.formula
AZ5 non-polymer 5-CHLORO-N2-[(1S)-1-(5-FLUOROPYRIMIDIN-2-YL)ETHYL]-N4-(5-METHYL-1H-PYRAZOL-3-YL)PYRIMIDINE-2,4-DIAMINE 'C14 H14 Cl F N8'
#
# COMPACT_ATOMS: atom_id res chain seq x y z
N GLN A 9 2.57 16.58 6.44
CA GLN A 9 3.26 17.64 5.65
C GLN A 9 2.52 17.99 4.35
N PHE A 10 1.21 18.10 4.46
CA PHE A 10 0.36 18.53 3.36
C PHE A 10 -0.04 19.99 3.62
N GLU A 11 0.06 20.83 2.60
CA GLU A 11 -0.31 22.24 2.70
C GLU A 11 -1.79 22.43 2.43
N GLU A 12 -2.47 23.14 3.32
CA GLU A 12 -3.93 23.30 3.23
C GLU A 12 -4.38 23.95 1.91
N ARG A 13 -3.59 24.90 1.41
CA ARG A 13 -3.93 25.60 0.16
C ARG A 13 -3.82 24.73 -1.09
N HIS A 14 -3.15 23.58 -0.99
CA HIS A 14 -3.05 22.62 -2.09
C HIS A 14 -4.13 21.54 -2.09
N LEU A 15 -4.99 21.50 -1.06
CA LEU A 15 -6.13 20.55 -1.01
C LEU A 15 -7.34 21.21 -1.65
N LYS A 16 -7.71 20.73 -2.82
CA LYS A 16 -8.85 21.27 -3.55
C LYS A 16 -10.07 20.42 -3.27
N PHE A 17 -11.12 21.06 -2.81
CA PHE A 17 -12.35 20.41 -2.43
C PHE A 17 -13.13 19.86 -3.63
N LEU A 18 -13.49 18.58 -3.58
CA LEU A 18 -14.33 17.95 -4.60
C LEU A 18 -15.75 17.69 -4.10
N GLN A 19 -15.88 17.00 -2.97
CA GLN A 19 -17.21 16.77 -2.39
C GLN A 19 -17.13 16.29 -0.95
N GLN A 20 -18.25 16.37 -0.24
CA GLN A 20 -18.35 15.78 1.09
C GLN A 20 -18.46 14.27 0.97
N LEU A 21 -17.91 13.57 1.95
CA LEU A 21 -18.09 12.13 1.97
C LEU A 21 -19.02 11.65 3.08
N GLY A 22 -19.07 12.37 4.19
CA GLY A 22 -19.98 12.03 5.27
C GLY A 22 -19.58 12.66 6.60
N LYS A 23 -20.38 12.36 7.63
CA LYS A 23 -20.19 12.89 8.98
C LYS A 23 -19.57 11.83 9.90
N PHE A 26 -18.34 12.94 15.42
CA PHE A 26 -17.25 13.75 15.94
C PHE A 26 -16.57 14.62 14.87
N GLY A 27 -16.87 14.38 13.60
CA GLY A 27 -16.20 15.11 12.53
C GLY A 27 -16.68 14.71 11.15
N SER A 28 -16.38 15.55 10.17
CA SER A 28 -16.75 15.32 8.78
C SER A 28 -15.59 14.77 7.94
N VAL A 29 -15.94 14.07 6.86
CA VAL A 29 -14.96 13.60 5.89
C VAL A 29 -15.23 14.21 4.50
N GLU A 30 -14.15 14.68 3.86
CA GLU A 30 -14.20 15.28 2.54
C GLU A 30 -13.27 14.59 1.54
N MET A 31 -13.65 14.65 0.27
CA MET A 31 -12.81 14.19 -0.82
C MET A 31 -12.14 15.43 -1.43
N CYS A 32 -10.83 15.37 -1.56
CA CYS A 32 -10.06 16.49 -2.09
C CYS A 32 -8.99 15.98 -3.04
N ARG A 33 -8.52 16.86 -3.90
CA ARG A 33 -7.38 16.57 -4.73
C ARG A 33 -6.20 17.35 -4.15
N TYR A 34 -5.13 16.65 -3.82
CA TYR A 34 -3.88 17.31 -3.48
C TYR A 34 -3.12 17.65 -4.77
N ASP A 35 -3.03 18.94 -5.05
CA ASP A 35 -2.52 19.47 -6.31
C ASP A 35 -1.41 20.50 -6.00
N PRO A 36 -0.26 20.02 -5.47
CA PRO A 36 0.80 20.90 -4.95
C PRO A 36 1.45 21.78 -6.00
N LEU A 37 1.47 21.33 -7.25
CA LEU A 37 2.02 22.11 -8.34
C LEU A 37 0.99 23.12 -8.88
N GLN A 38 -0.23 23.07 -8.36
CA GLN A 38 -1.28 24.01 -8.75
C GLN A 38 -1.58 24.03 -10.26
N ASP A 39 -1.04 23.06 -11.00
CA ASP A 39 -1.54 22.77 -12.34
C ASP A 39 -2.84 22.00 -12.10
N ASN A 40 -3.24 21.09 -12.98
CA ASN A 40 -4.39 20.23 -12.67
C ASN A 40 -4.00 18.78 -12.83
N THR A 41 -3.30 18.28 -11.81
CA THR A 41 -2.90 16.87 -11.67
C THR A 41 -2.85 16.57 -10.17
N GLY A 42 -2.57 15.32 -9.81
CA GLY A 42 -2.40 14.99 -8.42
C GLY A 42 -3.54 14.14 -7.91
N GLU A 43 -3.26 13.38 -6.88
CA GLU A 43 -4.15 12.32 -6.49
C GLU A 43 -5.27 12.83 -5.62
N VAL A 44 -6.39 12.13 -5.69
CA VAL A 44 -7.50 12.34 -4.80
C VAL A 44 -7.24 11.62 -3.48
N VAL A 45 -7.62 12.28 -2.38
CA VAL A 45 -7.39 11.81 -1.02
C VAL A 45 -8.61 12.06 -0.15
N ALA A 46 -8.69 11.35 0.97
CA ALA A 46 -9.76 11.55 1.95
C ALA A 46 -9.23 12.40 3.12
N VAL A 47 -10.05 13.34 3.57
CA VAL A 47 -9.62 14.34 4.53
C VAL A 47 -10.60 14.36 5.69
N LYS A 48 -10.13 13.97 6.88
CA LYS A 48 -10.93 13.93 8.08
C LYS A 48 -10.57 15.11 8.99
N LYS A 49 -11.56 15.86 9.44
CA LYS A 49 -11.34 16.93 10.43
C LYS A 49 -12.42 16.92 11.50
N LEU A 50 -12.15 17.61 12.61
CA LEU A 50 -13.14 17.77 13.70
C LEU A 50 -13.98 19.02 13.44
N GLN A 51 -15.27 18.95 13.75
CA GLN A 51 -16.18 20.10 13.64
C GLN A 51 -16.41 20.75 15.02
N HIS A 52 -15.89 21.97 15.21
CA HIS A 52 -15.91 22.67 16.51
C HIS A 52 -15.15 21.83 17.55
N SER A 53 -13.82 21.94 17.51
CA SER A 53 -12.96 21.04 18.27
C SER A 53 -12.74 21.48 19.73
N THR A 54 -13.38 20.77 20.66
CA THR A 54 -13.14 20.97 22.09
C THR A 54 -11.76 20.38 22.43
N GLU A 55 -11.17 20.84 23.53
CA GLU A 55 -9.80 20.47 23.93
C GLU A 55 -9.63 18.96 24.14
N GLU A 56 -10.68 18.29 24.61
CA GLU A 56 -10.67 16.84 24.79
C GLU A 56 -10.72 16.12 23.44
N HIS A 57 -11.51 16.64 22.51
CA HIS A 57 -11.64 16.03 21.19
C HIS A 57 -10.34 16.08 20.39
N LEU A 58 -9.60 17.19 20.50
CA LEU A 58 -8.33 17.34 19.80
C LEU A 58 -7.32 16.29 20.26
N ARG A 59 -7.21 16.14 21.58
CA ARG A 59 -6.31 15.15 22.18
C ARG A 59 -6.64 13.74 21.66
N ASP A 60 -7.92 13.39 21.65
CA ASP A 60 -8.33 12.08 21.12
C ASP A 60 -8.02 11.94 19.61
N PHE A 61 -8.20 13.02 18.85
CA PHE A 61 -7.97 12.99 17.42
C PHE A 61 -6.47 12.78 17.16
N GLU A 62 -5.63 13.42 17.98
CA GLU A 62 -4.17 13.26 17.87
C GLU A 62 -3.70 11.82 18.13
N ARG A 63 -4.36 11.14 19.06
CA ARG A 63 -4.07 9.72 19.29
C ARG A 63 -4.61 8.82 18.17
N GLU A 64 -5.75 9.19 17.60
CA GLU A 64 -6.31 8.49 16.43
C GLU A 64 -5.27 8.50 15.29
N ILE A 65 -4.71 9.67 15.01
CA ILE A 65 -3.69 9.83 13.99
C ILE A 65 -2.47 8.92 14.23
N GLU A 66 -1.96 8.87 15.47
CA GLU A 66 -0.79 8.04 15.77
C GLU A 66 -1.10 6.55 15.70
N ILE A 67 -2.33 6.18 16.05
CA ILE A 67 -2.79 4.80 15.92
C ILE A 67 -2.79 4.43 14.43
N LEU A 68 -3.39 5.29 13.61
CA LEU A 68 -3.51 5.00 12.19
C LEU A 68 -2.14 5.00 11.50
N LYS A 69 -1.31 5.98 11.85
CA LYS A 69 0.06 6.03 11.35
C LYS A 69 0.88 4.77 11.71
N SER A 70 0.55 4.13 12.83
CA SER A 70 1.28 2.94 13.30
C SER A 70 0.82 1.63 12.65
N LEU A 71 -0.19 1.66 11.78
CA LEU A 71 -0.73 0.44 11.18
C LEU A 71 -0.34 0.30 9.70
N GLN A 72 0.25 -0.85 9.35
CA GLN A 72 0.52 -1.20 7.95
C GLN A 72 -0.02 -2.60 7.71
N HIS A 73 -1.14 -2.65 7.00
CA HIS A 73 -1.78 -3.91 6.75
C HIS A 73 -2.68 -3.76 5.52
N ASP A 74 -2.75 -4.82 4.73
CA ASP A 74 -3.56 -4.85 3.52
C ASP A 74 -5.05 -4.53 3.74
N ASN A 75 -5.55 -4.73 4.96
CA ASN A 75 -6.97 -4.53 5.23
C ASN A 75 -7.24 -3.42 6.24
N ILE A 76 -6.33 -2.47 6.26
CA ILE A 76 -6.45 -1.28 7.08
C ILE A 76 -6.13 -0.09 6.20
N VAL A 77 -7.04 0.90 6.21
CA VAL A 77 -6.91 2.07 5.38
C VAL A 77 -5.55 2.75 5.62
N LYS A 78 -4.95 3.24 4.54
CA LYS A 78 -3.60 3.77 4.56
C LYS A 78 -3.57 5.24 5.02
N TYR A 79 -2.76 5.51 6.05
CA TYR A 79 -2.44 6.87 6.50
C TYR A 79 -1.51 7.54 5.47
N LYS A 80 -1.75 8.81 5.14
CA LYS A 80 -0.87 9.54 4.22
C LYS A 80 -0.13 10.70 4.85
N GLY A 81 -0.82 11.46 5.70
CA GLY A 81 -0.21 12.60 6.36
C GLY A 81 -1.21 13.42 7.16
N VAL A 82 -0.74 14.56 7.64
CA VAL A 82 -1.57 15.50 8.40
C VAL A 82 -1.41 16.89 7.80
N CYS A 83 -2.28 17.80 8.22
CA CYS A 83 -2.33 19.13 7.66
C CYS A 83 -2.83 20.16 8.68
N TYR A 84 -2.04 21.20 8.93
CA TYR A 84 -2.40 22.27 9.87
C TYR A 84 -2.55 23.60 9.12
N SER A 85 -3.58 24.36 9.48
CA SER A 85 -3.82 25.66 8.88
C SER A 85 -2.75 26.65 9.31
N ASN A 90 -6.31 23.50 13.27
CA ASN A 90 -7.26 22.79 12.43
C ASN A 90 -6.64 21.53 11.82
N LEU A 91 -6.12 20.68 12.70
CA LEU A 91 -5.53 19.43 12.30
C LEU A 91 -6.48 18.73 11.31
N LYS A 92 -5.93 18.32 10.17
CA LYS A 92 -6.65 17.47 9.22
C LYS A 92 -5.84 16.20 9.07
N LEU A 93 -6.52 15.06 9.05
CA LEU A 93 -5.91 13.76 8.79
C LEU A 93 -6.13 13.39 7.31
N ILE A 94 -5.03 13.07 6.62
CA ILE A 94 -5.04 12.69 5.21
C ILE A 94 -4.85 11.19 5.08
N MET A 95 -5.80 10.54 4.39
CA MET A 95 -5.77 9.10 4.16
C MET A 95 -5.96 8.79 2.68
N GLU A 96 -5.68 7.55 2.29
CA GLU A 96 -5.95 7.13 0.92
C GLU A 96 -7.45 7.16 0.71
N TYR A 97 -7.85 7.48 -0.52
CA TYR A 97 -9.26 7.50 -0.91
C TYR A 97 -9.59 6.12 -1.44
N LEU A 98 -10.61 5.50 -0.87
CA LEU A 98 -11.04 4.18 -1.31
C LEU A 98 -12.33 4.42 -2.08
N PRO A 99 -12.38 3.98 -3.34
CA PRO A 99 -13.40 4.55 -4.22
C PRO A 99 -14.81 3.95 -4.15
N TYR A 100 -15.01 2.79 -3.54
CA TYR A 100 -16.33 2.15 -3.55
C TYR A 100 -17.19 2.41 -2.31
N GLY A 101 -16.71 3.25 -1.38
CA GLY A 101 -17.50 3.67 -0.24
C GLY A 101 -17.53 2.65 0.88
N SER A 102 -18.42 2.88 1.86
CA SER A 102 -18.54 1.95 2.98
C SER A 102 -19.08 0.62 2.47
N LEU A 103 -18.69 -0.44 3.16
CA LEU A 103 -19.18 -1.77 2.85
C LEU A 103 -20.69 -1.86 3.02
N ARG A 104 -21.19 -1.17 4.02
CA ARG A 104 -22.62 -1.06 4.26
C ARG A 104 -23.34 -0.52 3.02
N ASP A 105 -22.81 0.54 2.43
CA ASP A 105 -23.42 1.13 1.23
C ASP A 105 -23.14 0.31 -0.02
N TYR A 106 -21.94 -0.24 -0.14
CA TYR A 106 -21.57 -1.00 -1.33
C TYR A 106 -22.46 -2.22 -1.45
N LEU A 107 -22.70 -2.87 -0.31
CA LEU A 107 -23.49 -4.10 -0.25
C LEU A 107 -24.95 -3.86 -0.61
N GLN A 108 -25.54 -2.81 -0.06
CA GLN A 108 -26.86 -2.36 -0.51
C GLN A 108 -26.92 -2.07 -2.00
N ALA A 109 -25.93 -1.33 -2.51
CA ALA A 109 -25.95 -0.90 -3.90
C ALA A 109 -25.83 -2.07 -4.89
N HIS A 110 -25.03 -3.07 -4.50
CA HIS A 110 -24.61 -4.15 -5.40
C HIS A 110 -24.93 -5.57 -4.89
N ALA A 111 -25.95 -5.69 -4.04
CA ALA A 111 -26.35 -6.97 -3.44
C ALA A 111 -26.57 -8.06 -4.48
N GLU A 112 -27.16 -7.66 -5.61
CA GLU A 112 -27.51 -8.59 -6.67
C GLU A 112 -26.28 -9.32 -7.25
N ARG A 113 -25.11 -8.73 -7.10
CA ARG A 113 -23.84 -9.25 -7.64
C ARG A 113 -22.94 -9.88 -6.54
N ILE A 114 -23.36 -9.84 -5.29
CA ILE A 114 -22.50 -10.30 -4.21
C ILE A 114 -23.04 -11.62 -3.64
N ASP A 115 -22.31 -12.72 -3.84
CA ASP A 115 -22.75 -14.01 -3.33
C ASP A 115 -22.13 -14.34 -1.96
N HIS A 116 -22.57 -15.44 -1.37
CA HIS A 116 -22.11 -15.79 -0.02
C HIS A 116 -20.62 -15.97 0.02
N ILE A 117 -20.02 -16.50 -1.04
CA ILE A 117 -18.57 -16.67 -1.10
C ILE A 117 -17.87 -15.33 -1.00
N LYS A 118 -18.40 -14.34 -1.71
CA LYS A 118 -17.94 -12.94 -1.59
C LYS A 118 -18.13 -12.36 -0.19
N LEU A 119 -19.29 -12.60 0.40
CA LEU A 119 -19.48 -12.14 1.78
C LEU A 119 -18.42 -12.71 2.73
N LEU A 120 -17.99 -13.95 2.49
CA LEU A 120 -16.99 -14.60 3.34
C LEU A 120 -15.56 -14.19 2.99
N GLN A 121 -15.31 -13.78 1.74
CA GLN A 121 -14.05 -13.09 1.41
C GLN A 121 -13.89 -11.79 2.24
N TYR A 122 -14.95 -11.01 2.32
CA TYR A 122 -14.95 -9.80 3.16
C TYR A 122 -14.74 -10.14 4.63
N THR A 123 -15.56 -11.06 5.13
CA THR A 123 -15.49 -11.49 6.53
C THR A 123 -14.06 -11.80 6.90
N SER A 124 -13.43 -12.65 6.09
CA SER A 124 -12.06 -13.09 6.29
C SER A 124 -11.03 -11.94 6.32
N GLN A 125 -11.19 -10.95 5.46
CA GLN A 125 -10.31 -9.76 5.43
C GLN A 125 -10.50 -8.88 6.66
N ILE A 126 -11.74 -8.70 7.10
CA ILE A 126 -12.00 -7.95 8.33
C ILE A 126 -11.33 -8.72 9.49
N CYS A 127 -11.47 -10.05 9.48
CA CYS A 127 -10.83 -10.90 10.49
C CYS A 127 -9.31 -10.78 10.55
N LYS A 128 -8.68 -10.71 9.37
CA LYS A 128 -7.23 -10.57 9.32
C LYS A 128 -6.77 -9.19 9.81
N GLY A 129 -7.50 -8.14 9.45
CA GLY A 129 -7.20 -6.79 9.95
C GLY A 129 -7.32 -6.69 11.46
N MET A 130 -8.36 -7.31 12.01
CA MET A 130 -8.55 -7.29 13.46
C MET A 130 -7.48 -8.11 14.19
N GLU A 131 -7.09 -9.22 13.59
CA GLU A 131 -6.05 -10.07 14.14
C GLU A 131 -4.78 -9.27 14.26
N TYR A 132 -4.48 -8.47 13.23
CA TYR A 132 -3.33 -7.58 13.23
C TYR A 132 -3.42 -6.48 14.28
N LEU A 133 -4.57 -5.83 14.39
CA LEU A 133 -4.83 -4.88 15.50
C LEU A 133 -4.54 -5.48 16.89
N GLY A 134 -4.95 -6.73 17.07
CA GLY A 134 -4.73 -7.42 18.35
C GLY A 134 -3.26 -7.62 18.72
N THR A 135 -2.40 -7.70 17.71
CA THR A 135 -0.97 -7.84 17.95
C THR A 135 -0.36 -6.48 18.36
N LYS A 136 -1.07 -5.40 18.08
CA LYS A 136 -0.65 -4.06 18.50
C LYS A 136 -1.29 -3.67 19.83
N ARG A 137 -2.06 -4.59 20.42
CA ARG A 137 -2.87 -4.34 21.61
C ARG A 137 -3.86 -3.16 21.45
N TYR A 138 -4.46 -3.05 20.27
CA TYR A 138 -5.47 -2.03 19.99
C TYR A 138 -6.87 -2.62 20.03
N ILE A 139 -7.78 -1.86 20.62
CA ILE A 139 -9.20 -2.22 20.70
C ILE A 139 -10.01 -1.23 19.85
N HIS A 140 -10.69 -1.73 18.82
CA HIS A 140 -11.36 -0.85 17.84
C HIS A 140 -12.58 -0.12 18.41
N ARG A 141 -13.43 -0.88 19.11
CA ARG A 141 -14.63 -0.35 19.82
C ARG A 141 -15.82 0.07 18.95
N ASP A 142 -15.67 -0.03 17.63
CA ASP A 142 -16.71 0.43 16.71
C ASP A 142 -16.75 -0.40 15.43
N LEU A 143 -16.50 -1.70 15.55
CA LEU A 143 -16.62 -2.60 14.42
C LEU A 143 -18.06 -2.60 13.93
N ALA A 144 -18.24 -2.33 12.65
CA ALA A 144 -19.53 -2.23 12.00
C ALA A 144 -19.29 -2.03 10.52
N THR A 145 -20.21 -2.50 9.68
CA THR A 145 -20.03 -2.39 8.23
C THR A 145 -19.95 -0.94 7.78
N ARG A 146 -20.57 -0.01 8.50
CA ARG A 146 -20.44 1.42 8.18
C ARG A 146 -18.99 1.93 8.31
N ASN A 147 -18.16 1.19 9.04
CA ASN A 147 -16.76 1.53 9.28
C ASN A 147 -15.75 0.71 8.47
N ILE A 148 -16.24 -0.09 7.54
CA ILE A 148 -15.39 -0.82 6.60
C ILE A 148 -15.54 -0.14 5.24
N LEU A 149 -14.41 0.08 4.57
CA LEU A 149 -14.38 0.66 3.24
C LEU A 149 -14.11 -0.38 2.17
N VAL A 150 -14.62 -0.13 0.96
CA VAL A 150 -14.38 -1.01 -0.18
C VAL A 150 -13.35 -0.38 -1.12
N GLU A 151 -12.24 -1.09 -1.36
CA GLU A 151 -11.21 -0.66 -2.32
C GLU A 151 -11.51 -1.11 -3.74
N ASN A 152 -11.84 -2.39 -3.89
CA ASN A 152 -12.36 -2.91 -5.17
C ASN A 152 -13.23 -4.13 -4.85
N GLU A 153 -13.76 -4.80 -5.87
CA GLU A 153 -14.62 -5.97 -5.69
C GLU A 153 -13.98 -7.08 -4.85
N ASN A 154 -12.65 -7.08 -4.74
CA ASN A 154 -11.95 -8.15 -4.05
C ASN A 154 -11.28 -7.74 -2.73
N ARG A 155 -11.41 -6.48 -2.33
CA ARG A 155 -10.71 -6.03 -1.13
C ARG A 155 -11.41 -4.94 -0.33
N VAL A 156 -11.56 -5.20 0.96
CA VAL A 156 -12.12 -4.26 1.91
C VAL A 156 -11.06 -3.91 2.96
N LYS A 157 -11.23 -2.74 3.56
CA LYS A 157 -10.32 -2.21 4.57
C LYS A 157 -11.09 -1.63 5.74
N ILE A 158 -10.66 -1.98 6.94
CA ILE A 158 -11.11 -1.29 8.13
C ILE A 158 -10.74 0.18 7.95
N GLY A 159 -11.72 1.06 8.10
CA GLY A 159 -11.61 2.42 7.53
C GLY A 159 -11.71 3.61 8.46
N ASP A 160 -12.01 3.36 9.71
CA ASP A 160 -12.13 4.42 10.72
C ASP A 160 -11.70 3.93 12.08
N PHE A 161 -10.95 4.76 12.80
CA PHE A 161 -10.35 4.36 14.10
C PHE A 161 -10.58 5.42 15.18
N GLY A 162 -11.70 6.10 15.07
CA GLY A 162 -12.06 7.20 15.96
C GLY A 162 -12.36 6.85 17.41
N LEU A 163 -12.81 5.63 17.68
CA LEU A 163 -13.03 5.19 19.05
C LEU A 163 -11.96 4.19 19.53
N THR A 164 -10.95 3.94 18.70
CA THR A 164 -9.94 2.92 18.98
C THR A 164 -9.07 3.33 20.19
N LYS A 165 -8.76 2.36 21.05
CA LYS A 165 -7.96 2.58 22.27
C LYS A 165 -6.82 1.59 22.33
N VAL A 166 -5.74 1.98 23.00
CA VAL A 166 -4.62 1.10 23.32
C VAL A 166 -4.82 0.53 24.73
N LEU A 167 -4.66 -0.79 24.86
CA LEU A 167 -4.78 -1.45 26.15
C LEU A 167 -3.64 -1.00 27.07
N PRO A 168 -3.93 -0.81 28.37
CA PRO A 168 -2.83 -0.51 29.29
C PRO A 168 -1.89 -1.71 29.39
N GLN A 169 -0.63 -1.47 29.74
CA GLN A 169 0.42 -2.49 29.71
C GLN A 169 0.11 -3.76 30.51
N ASP A 170 -0.62 -3.60 31.61
CA ASP A 170 -0.75 -4.65 32.63
C ASP A 170 -2.14 -5.27 32.72
N LYS A 171 -3.06 -4.87 31.85
CA LYS A 171 -4.44 -5.40 31.86
C LYS A 171 -4.91 -5.72 30.45
N GLU A 172 -5.86 -6.65 30.35
CA GLU A 172 -6.30 -7.16 29.06
C GLU A 172 -7.66 -6.57 28.63
N PTR A 173 -8.10 -5.52 29.32
CA PTR A 173 -9.27 -4.76 28.90
C PTR A 173 -9.01 -3.29 29.18
O PTR A 173 -8.00 -2.94 29.79
CB PTR A 173 -10.52 -5.21 29.68
CG PTR A 173 -10.45 -5.00 31.18
CD1 PTR A 173 -10.63 -3.73 31.73
CD2 PTR A 173 -10.24 -6.07 32.04
CE1 PTR A 173 -10.57 -3.54 33.11
CE2 PTR A 173 -10.18 -5.88 33.41
CZ PTR A 173 -10.35 -4.60 33.95
OH PTR A 173 -10.31 -4.36 35.16
P PTR A 173 -10.37 -5.48 36.33
O1P PTR A 173 -10.40 -4.79 37.66
O2P PTR A 173 -9.09 -6.33 36.28
O3P PTR A 173 -11.62 -6.38 36.19
N PTR A 174 -9.91 -2.43 28.72
CA PTR A 174 -9.79 -1.00 28.95
C PTR A 174 -11.16 -0.41 29.26
O PTR A 174 -12.11 -0.67 28.52
CB PTR A 174 -9.13 -0.39 27.71
CG PTR A 174 -9.13 1.13 27.66
CD1 PTR A 174 -7.96 1.86 27.85
CD2 PTR A 174 -10.30 1.84 27.39
CE1 PTR A 174 -7.96 3.25 27.79
CE2 PTR A 174 -10.31 3.21 27.33
CZ PTR A 174 -9.15 3.92 27.53
OH PTR A 174 -9.23 5.15 27.45
P PTR A 174 -8.24 6.25 28.06
O1P PTR A 174 -6.95 6.20 27.35
O2P PTR A 174 -8.00 6.00 29.57
O3P PTR A 174 -8.94 7.60 27.87
N LYS A 175 -11.25 0.36 30.33
CA LYS A 175 -12.50 0.97 30.77
C LYS A 175 -12.53 2.44 30.35
N VAL A 176 -13.64 2.86 29.73
CA VAL A 176 -13.78 4.21 29.21
C VAL A 176 -14.44 5.12 30.23
N GLU A 181 -23.73 9.20 22.77
CA GLU A 181 -24.27 8.00 22.12
C GLU A 181 -23.16 7.02 21.78
N SER A 182 -23.32 5.78 22.23
CA SER A 182 -22.48 4.69 21.80
C SER A 182 -23.32 3.81 20.88
N PRO A 183 -22.66 3.04 20.00
CA PRO A 183 -23.39 2.14 19.13
C PRO A 183 -23.81 0.90 19.94
N ILE A 184 -24.79 1.08 20.81
CA ILE A 184 -25.12 0.09 21.83
C ILE A 184 -25.54 -1.27 21.25
N PHE A 185 -26.12 -1.30 20.04
CA PHE A 185 -26.56 -2.57 19.45
C PHE A 185 -25.43 -3.42 18.85
N TRP A 186 -24.20 -2.90 18.89
CA TRP A 186 -23.01 -3.64 18.51
C TRP A 186 -22.15 -4.00 19.75
N TYR A 187 -22.60 -3.58 20.93
CA TYR A 187 -21.81 -3.66 22.15
C TYR A 187 -22.02 -4.97 22.93
N ALA A 188 -20.91 -5.52 23.43
CA ALA A 188 -20.94 -6.66 24.32
C ALA A 188 -21.61 -6.27 25.66
N PRO A 189 -22.22 -7.25 26.36
CA PRO A 189 -22.82 -6.98 27.67
C PRO A 189 -21.90 -6.26 28.67
N GLU A 190 -20.69 -6.77 28.86
CA GLU A 190 -19.73 -6.16 29.77
C GLU A 190 -19.35 -4.73 29.34
N SER A 191 -19.45 -4.43 28.04
CA SER A 191 -19.29 -3.04 27.57
C SER A 191 -20.48 -2.15 27.96
N LEU A 192 -21.69 -2.69 27.89
CA LEU A 192 -22.90 -1.95 28.30
C LEU A 192 -22.99 -1.74 29.81
N THR A 193 -22.58 -2.73 30.60
CA THR A 193 -22.77 -2.68 32.05
C THR A 193 -21.57 -2.10 32.81
N GLU A 194 -20.36 -2.30 32.29
CA GLU A 194 -19.13 -1.89 32.98
C GLU A 194 -18.22 -0.95 32.16
N SER A 195 -18.59 -0.66 30.91
CA SER A 195 -17.76 0.11 29.97
C SER A 195 -16.37 -0.50 29.77
N LYS A 196 -16.33 -1.83 29.78
CA LYS A 196 -15.10 -2.59 29.62
C LYS A 196 -14.94 -3.06 28.16
N PHE A 197 -13.82 -2.70 27.54
CA PHE A 197 -13.55 -3.06 26.15
C PHE A 197 -12.28 -3.90 26.00
N SER A 198 -12.35 -4.93 25.17
CA SER A 198 -11.23 -5.87 24.99
C SER A 198 -11.32 -6.54 23.63
N VAL A 199 -10.31 -7.35 23.30
CA VAL A 199 -10.31 -8.15 22.07
C VAL A 199 -11.57 -9.01 22.01
N ALA A 200 -11.96 -9.54 23.15
CA ALA A 200 -13.19 -10.30 23.28
C ALA A 200 -14.46 -9.48 22.96
N SER A 201 -14.50 -8.19 23.31
CA SER A 201 -15.67 -7.39 22.92
C SER A 201 -15.63 -6.97 21.43
N ASP A 202 -14.44 -6.89 20.84
CA ASP A 202 -14.36 -6.68 19.39
C ASP A 202 -14.90 -7.92 18.69
N VAL A 203 -14.70 -9.10 19.28
CA VAL A 203 -15.20 -10.34 18.69
C VAL A 203 -16.74 -10.36 18.72
N TRP A 204 -17.33 -9.93 19.84
CA TRP A 204 -18.78 -9.77 19.94
C TRP A 204 -19.28 -8.93 18.76
N SER A 205 -18.75 -7.73 18.64
CA SER A 205 -19.13 -6.83 17.56
C SER A 205 -18.88 -7.41 16.17
N PHE A 206 -17.75 -8.08 15.99
CA PHE A 206 -17.52 -8.80 14.76
C PHE A 206 -18.70 -9.72 14.44
N GLY A 207 -19.19 -10.45 15.44
CA GLY A 207 -20.37 -11.28 15.27
C GLY A 207 -21.54 -10.50 14.67
N VAL A 208 -21.71 -9.27 15.12
CA VAL A 208 -22.76 -8.39 14.62
C VAL A 208 -22.43 -7.94 13.18
N VAL A 209 -21.16 -7.71 12.86
CA VAL A 209 -20.73 -7.42 11.50
C VAL A 209 -21.09 -8.56 10.53
N LEU A 210 -20.76 -9.78 10.93
CA LEU A 210 -21.10 -10.97 10.13
C LEU A 210 -22.60 -11.07 9.94
N TYR A 211 -23.36 -10.74 10.99
CA TYR A 211 -24.81 -10.69 10.90
C TYR A 211 -25.29 -9.66 9.86
N GLU A 212 -24.81 -8.41 9.97
CA GLU A 212 -25.12 -7.39 8.98
C GLU A 212 -24.88 -7.88 7.56
N LEU A 213 -23.73 -8.50 7.33
CA LEU A 213 -23.36 -9.00 6.01
C LEU A 213 -24.37 -9.97 5.42
N PHE A 214 -24.77 -10.97 6.21
CA PHE A 214 -25.71 -11.98 5.71
C PHE A 214 -27.15 -11.48 5.68
N THR A 215 -27.47 -10.35 6.34
CA THR A 215 -28.75 -9.67 6.09
C THR A 215 -28.75 -8.88 4.80
N TYR A 216 -27.57 -8.66 4.22
CA TYR A 216 -27.40 -7.80 3.04
C TYR A 216 -27.92 -6.40 3.30
N ILE A 217 -27.85 -5.97 4.56
CA ILE A 217 -28.39 -4.69 5.00
C ILE A 217 -29.86 -4.43 4.64
N GLU A 218 -30.73 -5.46 4.66
CA GLU A 218 -32.17 -5.20 4.47
C GLU A 218 -32.66 -4.41 5.70
N LYS A 219 -33.21 -3.21 5.48
CA LYS A 219 -33.32 -2.18 6.56
C LYS A 219 -33.97 -2.68 7.87
N SER A 220 -35.09 -3.36 7.74
CA SER A 220 -35.80 -3.90 8.89
C SER A 220 -35.10 -5.11 9.51
N LYS A 221 -33.94 -5.52 9.00
CA LYS A 221 -33.15 -6.59 9.62
C LYS A 221 -31.88 -6.09 10.32
N SER A 222 -31.70 -4.77 10.35
CA SER A 222 -30.54 -4.15 11.00
C SER A 222 -30.55 -4.50 12.48
N PRO A 223 -29.36 -4.55 13.12
CA PRO A 223 -29.40 -4.80 14.57
C PRO A 223 -30.28 -3.82 15.40
N PRO A 224 -30.37 -2.52 15.01
CA PRO A 224 -31.30 -1.65 15.77
C PRO A 224 -32.77 -2.04 15.64
N ALA A 225 -33.25 -2.23 14.41
CA ALA A 225 -34.64 -2.62 14.19
C ALA A 225 -34.99 -3.92 14.94
N GLU A 226 -34.11 -4.91 14.87
CA GLU A 226 -34.37 -6.23 15.48
C GLU A 226 -34.39 -6.16 16.98
N PHE A 227 -33.38 -5.49 17.55
CA PHE A 227 -33.32 -5.34 18.99
C PHE A 227 -34.49 -4.50 19.53
N MET A 228 -34.91 -3.48 18.78
CA MET A 228 -36.06 -2.67 19.19
C MET A 228 -37.36 -3.47 19.16
N ARG A 229 -37.51 -4.38 18.21
CA ARG A 229 -38.71 -5.22 18.19
C ARG A 229 -38.69 -6.23 19.32
N MET A 230 -37.53 -6.83 19.58
CA MET A 230 -37.42 -7.82 20.65
C MET A 230 -37.65 -7.22 22.04
N ILE A 231 -37.19 -6.00 22.24
CA ILE A 231 -37.43 -5.24 23.47
C ILE A 231 -38.87 -4.76 23.54
N GLY A 232 -39.35 -4.26 22.40
CA GLY A 232 -40.64 -3.60 22.30
C GLY A 232 -40.38 -2.22 21.74
N ASN A 233 -41.04 -1.87 20.65
CA ASN A 233 -40.84 -0.57 20.00
C ASN A 233 -41.44 0.59 20.79
N ASP A 234 -42.18 0.27 21.85
CA ASP A 234 -42.69 1.26 22.81
C ASP A 234 -41.59 1.93 23.67
N LYS A 235 -40.46 1.25 23.85
CA LYS A 235 -39.40 1.72 24.75
C LYS A 235 -38.63 2.87 24.14
N GLN A 236 -38.47 3.97 24.88
CA GLN A 236 -37.75 5.14 24.38
C GLN A 236 -36.62 5.62 25.30
N GLY A 237 -35.84 6.56 24.78
CA GLY A 237 -34.77 7.20 25.50
C GLY A 237 -33.81 6.25 26.19
N GLN A 238 -33.91 6.21 27.52
CA GLN A 238 -32.86 5.64 28.38
C GLN A 238 -33.21 4.25 28.89
N MET A 239 -34.48 3.87 28.77
CA MET A 239 -34.92 2.52 29.10
C MET A 239 -34.36 1.49 28.11
N ILE A 240 -34.11 1.92 26.87
CA ILE A 240 -33.63 1.04 25.80
C ILE A 240 -32.40 0.21 26.20
N VAL A 241 -31.38 0.87 26.75
CA VAL A 241 -30.15 0.17 27.10
C VAL A 241 -30.35 -0.81 28.25
N PHE A 242 -31.21 -0.45 29.20
CA PHE A 242 -31.54 -1.33 30.32
C PHE A 242 -32.22 -2.63 29.85
N HIS A 243 -33.20 -2.50 28.97
CA HIS A 243 -33.91 -3.68 28.45
C HIS A 243 -33.00 -4.56 27.56
N LEU A 244 -32.09 -3.92 26.84
CA LEU A 244 -31.09 -4.63 26.03
C LEU A 244 -30.15 -5.46 26.89
N ILE A 245 -29.64 -4.88 27.97
CA ILE A 245 -28.81 -5.61 28.92
C ILE A 245 -29.57 -6.82 29.48
N GLU A 246 -30.81 -6.59 29.90
CA GLU A 246 -31.69 -7.67 30.42
C GLU A 246 -31.81 -8.76 29.37
N LEU A 247 -32.20 -8.36 28.16
CA LEU A 247 -32.39 -9.27 27.02
C LEU A 247 -31.15 -10.14 26.77
N LEU A 248 -29.97 -9.53 26.73
CA LEU A 248 -28.73 -10.26 26.47
C LEU A 248 -28.38 -11.21 27.62
N LYS A 249 -28.62 -10.76 28.84
CA LYS A 249 -28.40 -11.58 30.05
C LYS A 249 -29.29 -12.83 30.05
N ASN A 250 -30.49 -12.70 29.50
CA ASN A 250 -31.40 -13.84 29.31
C ASN A 250 -31.20 -14.57 27.97
N ASN A 251 -29.99 -14.53 27.43
CA ASN A 251 -29.64 -15.14 26.15
C ASN A 251 -30.57 -14.76 24.98
N GLY A 252 -31.16 -13.57 25.01
CA GLY A 252 -31.81 -13.03 23.81
C GLY A 252 -30.72 -12.67 22.79
N ARG A 253 -30.98 -12.96 21.52
CA ARG A 253 -29.98 -12.83 20.45
C ARG A 253 -30.63 -12.41 19.14
N LEU A 254 -29.84 -11.79 18.26
CA LEU A 254 -30.33 -11.48 16.93
C LEU A 254 -30.57 -12.81 16.23
N PRO A 255 -31.61 -12.87 15.39
CA PRO A 255 -32.00 -14.14 14.79
C PRO A 255 -31.14 -14.47 13.59
N ARG A 256 -31.16 -15.74 13.17
CA ARG A 256 -30.43 -16.17 11.99
C ARG A 256 -30.99 -15.44 10.76
N PRO A 257 -30.14 -14.74 10.00
CA PRO A 257 -30.62 -14.09 8.77
C PRO A 257 -31.13 -15.09 7.73
N ASP A 258 -32.10 -14.65 6.94
CA ASP A 258 -32.70 -15.51 5.93
C ASP A 258 -31.57 -15.91 4.98
N GLY A 259 -31.41 -17.21 4.79
CA GLY A 259 -30.38 -17.70 3.92
C GLY A 259 -29.02 -17.86 4.56
N CYS A 260 -28.85 -17.46 5.82
CA CYS A 260 -27.57 -17.68 6.49
C CYS A 260 -27.44 -19.16 6.81
N PRO A 261 -26.36 -19.81 6.35
CA PRO A 261 -26.13 -21.24 6.65
C PRO A 261 -25.87 -21.52 8.14
N ASP A 262 -26.33 -22.66 8.61
CA ASP A 262 -26.18 -23.08 10.00
C ASP A 262 -24.76 -22.79 10.52
N GLU A 263 -23.75 -23.25 9.79
CA GLU A 263 -22.33 -23.15 10.21
C GLU A 263 -21.87 -21.70 10.42
N ILE A 264 -22.47 -20.77 9.68
CA ILE A 264 -22.15 -19.36 9.82
C ILE A 264 -22.86 -18.74 11.01
N TYR A 265 -24.14 -19.05 11.19
CA TYR A 265 -24.87 -18.60 12.38
C TYR A 265 -24.23 -19.14 13.66
N MET A 266 -23.73 -20.37 13.63
CA MET A 266 -23.02 -20.91 14.79
C MET A 266 -21.82 -20.04 15.17
N ILE A 267 -21.12 -19.48 14.18
CA ILE A 267 -19.98 -18.58 14.45
C ILE A 267 -20.46 -17.32 15.13
N MET A 268 -21.56 -16.76 14.64
CA MET A 268 -22.14 -15.56 15.23
C MET A 268 -22.51 -15.82 16.68
N THR A 269 -23.19 -16.93 16.93
CA THR A 269 -23.69 -17.23 18.26
C THR A 269 -22.52 -17.50 19.23
N GLU A 270 -21.44 -18.07 18.73
CA GLU A 270 -20.24 -18.23 19.55
C GLU A 270 -19.56 -16.92 19.91
N CYS A 271 -19.57 -15.96 18.97
CA CYS A 271 -19.06 -14.62 19.23
C CYS A 271 -19.89 -13.90 20.31
N TRP A 272 -21.19 -14.19 20.34
CA TRP A 272 -22.11 -13.59 21.30
C TRP A 272 -22.29 -14.43 22.58
N ASN A 273 -21.18 -14.90 23.12
CA ASN A 273 -21.16 -15.58 24.41
C ASN A 273 -21.08 -14.56 25.53
N ASN A 274 -21.98 -14.66 26.53
CA ASN A 274 -21.88 -13.81 27.72
C ASN A 274 -20.54 -13.98 28.44
N ASN A 275 -19.96 -15.17 28.32
CA ASN A 275 -18.67 -15.46 28.93
C ASN A 275 -17.53 -14.97 28.03
N VAL A 276 -16.88 -13.91 28.46
CA VAL A 276 -15.82 -13.27 27.69
C VAL A 276 -14.77 -14.28 27.22
N ASN A 277 -14.25 -15.08 28.14
CA ASN A 277 -13.15 -16.02 27.88
C ASN A 277 -13.48 -17.17 26.92
N GLN A 278 -14.78 -17.46 26.74
CA GLN A 278 -15.21 -18.52 25.83
C GLN A 278 -15.42 -18.02 24.39
N ARG A 279 -15.37 -16.71 24.16
CA ARG A 279 -15.44 -16.18 22.79
C ARG A 279 -14.19 -16.56 22.00
N PRO A 280 -14.34 -16.83 20.68
CA PRO A 280 -13.19 -17.29 19.90
C PRO A 280 -12.19 -16.18 19.60
N SER A 281 -11.00 -16.54 19.16
CA SER A 281 -10.00 -15.55 18.75
C SER A 281 -10.16 -15.24 17.27
N PHE A 282 -9.65 -14.08 16.86
CA PHE A 282 -9.69 -13.72 15.45
C PHE A 282 -8.91 -14.70 14.58
N ARG A 283 -7.81 -15.23 15.12
CA ARG A 283 -7.10 -16.34 14.49
C ARG A 283 -8.01 -17.55 14.25
N ASP A 284 -8.76 -17.95 15.26
CA ASP A 284 -9.73 -19.06 15.10
C ASP A 284 -10.78 -18.69 14.03
N LEU A 285 -11.35 -17.50 14.16
CA LEU A 285 -12.40 -17.06 13.26
C LEU A 285 -11.96 -17.03 11.79
N ALA A 286 -10.75 -16.54 11.53
CA ALA A 286 -10.22 -16.48 10.17
C ALA A 286 -10.03 -17.84 9.51
N LEU A 287 -9.62 -18.84 10.28
CA LEU A 287 -9.34 -20.17 9.74
C LEU A 287 -10.64 -20.91 9.42
N ARG A 288 -11.60 -20.85 10.35
CA ARG A 288 -12.92 -21.46 10.15
C ARG A 288 -13.69 -20.86 8.96
N VAL A 289 -13.69 -19.53 8.86
CA VAL A 289 -14.34 -18.83 7.73
C VAL A 289 -13.68 -19.19 6.40
N ASP A 290 -12.35 -19.12 6.35
CA ASP A 290 -11.60 -19.56 5.16
C ASP A 290 -11.96 -20.99 4.77
N GLN A 291 -12.07 -21.87 5.76
CA GLN A 291 -12.35 -23.29 5.53
C GLN A 291 -13.79 -23.49 5.02
N ILE A 292 -14.75 -22.78 5.61
CA ILE A 292 -16.14 -22.79 5.15
C ILE A 292 -16.25 -22.30 3.71
N ARG A 293 -15.40 -21.34 3.36
CA ARG A 293 -15.37 -20.74 2.04
C ARG A 293 -14.98 -21.76 0.96
N ASP A 294 -14.10 -22.68 1.33
CA ASP A 294 -13.57 -23.69 0.40
C ASP A 294 -14.56 -24.84 0.18
N ASN A 295 -15.24 -25.25 1.24
CA ASN A 295 -16.34 -26.23 1.13
C ASN A 295 -17.43 -25.75 0.18
N MET A 296 -17.66 -24.45 0.15
CA MET A 296 -18.55 -23.83 -0.84
C MET A 296 -17.93 -23.87 -2.23
N GLN B 9 5.56 24.84 -26.24
CA GLN B 9 6.00 25.37 -24.93
C GLN B 9 7.52 25.50 -24.86
N PHE B 10 8.24 24.43 -25.20
CA PHE B 10 9.68 24.42 -25.05
C PHE B 10 10.41 24.69 -26.39
N GLU B 11 11.16 25.79 -26.42
CA GLU B 11 11.87 26.23 -27.61
C GLU B 11 13.38 26.16 -27.40
N GLU B 12 14.08 25.51 -28.33
CA GLU B 12 15.52 25.20 -28.19
C GLU B 12 16.45 26.41 -27.99
N ARG B 13 16.05 27.58 -28.49
CA ARG B 13 16.83 28.80 -28.32
C ARG B 13 16.89 29.25 -26.85
N HIS B 14 16.03 28.68 -26.00
CA HIS B 14 15.91 29.15 -24.61
C HIS B 14 16.37 28.13 -23.56
N LEU B 15 17.13 27.13 -23.99
CA LEU B 15 17.76 26.19 -23.07
C LEU B 15 19.21 26.62 -22.85
N LYS B 16 19.46 27.25 -21.72
CA LYS B 16 20.82 27.61 -21.35
C LYS B 16 21.45 26.40 -20.67
N PHE B 17 22.52 25.88 -21.27
CA PHE B 17 23.30 24.78 -20.70
C PHE B 17 23.93 25.17 -19.36
N LEU B 18 23.80 24.32 -18.35
CA LEU B 18 24.45 24.50 -17.06
C LEU B 18 25.56 23.47 -16.85
N GLN B 19 25.23 22.20 -17.03
CA GLN B 19 26.25 21.13 -16.98
C GLN B 19 25.79 19.80 -17.57
N GLN B 20 26.76 18.95 -17.88
CA GLN B 20 26.53 17.53 -18.18
C GLN B 20 26.20 16.78 -16.90
N LEU B 21 25.14 15.98 -16.93
CA LEU B 21 24.75 15.13 -15.81
C LEU B 21 25.21 13.71 -16.04
N GLY B 22 25.05 13.24 -17.27
CA GLY B 22 25.57 11.94 -17.65
C GLY B 22 24.92 11.42 -18.92
N LYS B 23 25.40 10.26 -19.36
CA LYS B 23 24.85 9.58 -20.52
C LYS B 23 24.23 8.27 -20.06
N GLY B 24 23.01 8.02 -20.56
CA GLY B 24 22.32 6.74 -20.34
C GLY B 24 22.62 5.81 -21.49
N ASN B 25 21.86 4.71 -21.57
CA ASN B 25 22.05 3.69 -22.61
C ASN B 25 22.43 4.27 -23.97
N PHE B 26 21.54 5.08 -24.54
CA PHE B 26 21.79 5.70 -25.84
C PHE B 26 21.41 7.19 -25.82
N GLY B 27 22.44 8.04 -25.85
CA GLY B 27 22.26 9.49 -25.75
C GLY B 27 22.91 10.08 -24.50
N SER B 28 22.54 11.31 -24.16
CA SER B 28 23.06 11.98 -22.97
C SER B 28 22.01 12.84 -22.30
N VAL B 29 22.30 13.23 -21.05
CA VAL B 29 21.41 14.06 -20.24
C VAL B 29 22.16 15.28 -19.70
N GLU B 30 21.56 16.46 -19.87
CA GLU B 30 22.15 17.72 -19.42
C GLU B 30 21.22 18.44 -18.45
N MET B 31 21.79 19.27 -17.58
CA MET B 31 21.04 20.21 -16.77
C MET B 31 20.97 21.54 -17.52
N CYS B 32 19.78 22.12 -17.56
CA CYS B 32 19.54 23.36 -18.26
C CYS B 32 18.55 24.23 -17.48
N ARG B 33 18.62 25.53 -17.69
CA ARG B 33 17.58 26.43 -17.26
C ARG B 33 16.72 26.75 -18.48
N TYR B 34 15.42 26.53 -18.38
CA TYR B 34 14.52 26.97 -19.44
C TYR B 34 14.08 28.39 -19.12
N ASP B 35 14.58 29.34 -19.91
CA ASP B 35 14.52 30.75 -19.54
C ASP B 35 14.03 31.61 -20.70
N PRO B 36 12.70 31.59 -20.97
CA PRO B 36 12.14 32.51 -21.98
C PRO B 36 12.38 33.99 -21.64
N LEU B 37 11.70 34.51 -20.61
CA LEU B 37 11.93 35.89 -20.16
C LEU B 37 13.34 36.03 -19.56
N GLN B 38 14.29 36.46 -20.39
CA GLN B 38 15.73 36.30 -20.14
C GLN B 38 16.29 36.90 -18.84
N ASP B 39 15.68 36.58 -17.71
CA ASP B 39 16.23 36.92 -16.41
C ASP B 39 17.22 35.80 -16.09
N ASN B 40 17.34 35.42 -14.82
CA ASN B 40 17.83 34.08 -14.47
C ASN B 40 16.79 33.41 -13.57
N THR B 41 15.53 33.63 -13.91
CA THR B 41 14.40 33.26 -13.07
C THR B 41 13.80 31.90 -13.46
N GLY B 42 14.12 31.44 -14.67
CA GLY B 42 13.55 30.20 -15.20
C GLY B 42 13.88 28.94 -14.41
N GLU B 43 12.99 27.94 -14.53
CA GLU B 43 13.12 26.69 -13.81
C GLU B 43 14.30 25.87 -14.37
N VAL B 44 15.02 25.18 -13.48
CA VAL B 44 16.07 24.24 -13.90
C VAL B 44 15.43 22.88 -14.23
N VAL B 45 15.80 22.31 -15.36
CA VAL B 45 15.19 21.08 -15.87
C VAL B 45 16.28 20.11 -16.28
N ALA B 46 15.90 18.83 -16.40
CA ALA B 46 16.78 17.81 -16.96
C ALA B 46 16.37 17.57 -18.41
N VAL B 47 17.36 17.46 -19.30
CA VAL B 47 17.15 17.42 -20.74
C VAL B 47 17.85 16.19 -21.31
N LYS B 48 17.08 15.27 -21.86
CA LYS B 48 17.63 14.05 -22.49
C LYS B 48 17.50 14.16 -24.02
N LYS B 49 18.57 13.79 -24.72
CA LYS B 49 18.59 13.76 -26.17
C LYS B 49 19.40 12.58 -26.68
N LEU B 50 19.27 12.30 -27.98
CA LEU B 50 19.99 11.20 -28.62
C LEU B 50 21.43 11.60 -28.98
N GLN B 51 22.35 10.64 -28.85
CA GLN B 51 23.76 10.87 -29.20
C GLN B 51 23.98 10.56 -30.67
N HIS B 57 17.66 4.90 -33.78
CA HIS B 57 17.34 4.87 -32.34
C HIS B 57 16.23 5.85 -31.92
N LEU B 58 15.79 6.69 -32.87
CA LEU B 58 14.79 7.72 -32.60
C LEU B 58 13.42 7.16 -32.27
N ARG B 59 13.11 5.98 -32.84
CA ARG B 59 11.83 5.33 -32.64
C ARG B 59 11.63 4.88 -31.18
N ASP B 60 12.66 4.25 -30.62
CA ASP B 60 12.65 3.86 -29.20
C ASP B 60 12.50 5.08 -28.29
N PHE B 61 13.29 6.11 -28.57
CA PHE B 61 13.24 7.36 -27.83
C PHE B 61 11.83 7.97 -27.87
N GLU B 62 11.20 7.97 -29.03
CA GLU B 62 9.82 8.49 -29.15
C GLU B 62 8.83 7.67 -28.33
N ARG B 63 9.00 6.35 -28.32
CA ARG B 63 8.13 5.50 -27.51
C ARG B 63 8.41 5.68 -26.02
N GLU B 64 9.66 5.93 -25.66
CA GLU B 64 10.01 6.27 -24.29
C GLU B 64 9.29 7.54 -23.80
N ILE B 65 9.24 8.56 -24.64
CA ILE B 65 8.58 9.82 -24.32
C ILE B 65 7.07 9.62 -24.07
N GLU B 66 6.41 8.85 -24.93
CA GLU B 66 4.98 8.59 -24.74
C GLU B 66 4.70 7.80 -23.46
N ILE B 67 5.60 6.84 -23.16
CA ILE B 67 5.58 6.10 -21.88
C ILE B 67 5.58 7.07 -20.68
N LEU B 68 6.62 7.90 -20.59
CA LEU B 68 6.77 8.77 -19.43
C LEU B 68 5.63 9.79 -19.29
N LYS B 69 5.13 10.29 -20.43
CA LYS B 69 4.02 11.24 -20.42
C LYS B 69 2.73 10.61 -19.88
N SER B 70 2.59 9.31 -20.06
CA SER B 70 1.42 8.60 -19.53
C SER B 70 1.53 8.32 -18.03
N LEU B 71 2.69 8.57 -17.42
CA LEU B 71 2.96 8.18 -16.02
C LEU B 71 2.91 9.40 -15.09
N GLN B 72 1.98 9.37 -14.14
CA GLN B 72 1.88 10.37 -13.08
C GLN B 72 1.87 9.69 -11.71
N HIS B 73 2.98 9.81 -10.99
CA HIS B 73 3.14 9.16 -9.68
C HIS B 73 4.28 9.82 -8.91
N ASP B 74 4.14 9.88 -7.58
CA ASP B 74 5.16 10.48 -6.72
C ASP B 74 6.54 9.83 -6.78
N ASN B 75 6.60 8.53 -7.14
CA ASN B 75 7.89 7.84 -7.23
C ASN B 75 8.32 7.55 -8.65
N ILE B 76 7.83 8.39 -9.58
CA ILE B 76 8.23 8.38 -10.97
C ILE B 76 8.57 9.81 -11.41
N VAL B 77 9.76 9.98 -12.01
CA VAL B 77 10.22 11.30 -12.44
C VAL B 77 9.18 11.94 -13.39
N LYS B 78 8.88 13.22 -13.16
CA LYS B 78 7.88 13.95 -13.97
C LYS B 78 8.36 14.35 -15.37
N TYR B 79 7.55 13.99 -16.35
CA TYR B 79 7.65 14.53 -17.71
C TYR B 79 7.21 16.00 -17.70
N LYS B 80 7.97 16.87 -18.36
CA LYS B 80 7.52 18.25 -18.60
C LYS B 80 7.10 18.47 -20.05
N GLY B 81 7.97 18.11 -20.98
CA GLY B 81 7.69 18.29 -22.40
C GLY B 81 8.84 17.89 -23.29
N VAL B 82 8.78 18.36 -24.54
CA VAL B 82 9.79 18.10 -25.57
C VAL B 82 10.12 19.38 -26.34
N CYS B 83 11.16 19.36 -27.15
CA CYS B 83 11.43 20.46 -28.09
C CYS B 83 12.08 19.98 -29.39
N ASN B 90 17.09 16.87 -33.62
CA ASN B 90 16.22 17.84 -32.94
C ASN B 90 15.80 17.37 -31.54
N LEU B 91 15.00 16.30 -31.50
CA LEU B 91 14.15 15.97 -30.33
C LEU B 91 14.87 15.87 -28.98
N LYS B 92 14.41 16.67 -28.04
CA LYS B 92 14.91 16.64 -26.66
C LYS B 92 13.74 16.38 -25.72
N LEU B 93 13.94 15.48 -24.76
CA LEU B 93 12.96 15.22 -23.72
C LEU B 93 13.26 16.04 -22.46
N ILE B 94 12.29 16.82 -22.01
CA ILE B 94 12.45 17.66 -20.83
C ILE B 94 11.72 17.05 -19.63
N MET B 95 12.47 16.85 -18.56
CA MET B 95 12.00 16.25 -17.32
C MET B 95 12.38 17.13 -16.14
N GLU B 96 11.69 16.92 -15.01
CA GLU B 96 12.05 17.60 -13.78
C GLU B 96 13.46 17.21 -13.36
N TYR B 97 14.14 18.18 -12.73
CA TYR B 97 15.48 17.99 -12.23
C TYR B 97 15.36 17.59 -10.76
N LEU B 98 15.91 16.43 -10.43
CA LEU B 98 15.88 15.94 -9.06
C LEU B 98 17.28 16.15 -8.50
N PRO B 99 17.42 16.99 -7.48
CA PRO B 99 18.72 17.57 -7.16
C PRO B 99 19.75 16.72 -6.42
N TYR B 100 19.39 15.54 -5.91
CA TYR B 100 20.38 14.72 -5.17
C TYR B 100 20.98 13.55 -5.97
N GLY B 101 20.69 13.47 -7.27
CA GLY B 101 21.32 12.51 -8.16
C GLY B 101 20.81 11.10 -7.96
N SER B 102 21.54 10.14 -8.52
CA SER B 102 21.12 8.75 -8.48
C SER B 102 21.19 8.21 -7.07
N LEU B 103 20.37 7.22 -6.78
CA LEU B 103 20.42 6.56 -5.48
C LEU B 103 21.77 5.85 -5.32
N ARG B 104 22.27 5.28 -6.41
CA ARG B 104 23.59 4.63 -6.41
C ARG B 104 24.70 5.58 -5.95
N ASP B 105 24.73 6.80 -6.50
CA ASP B 105 25.74 7.79 -6.11
C ASP B 105 25.46 8.36 -4.72
N TYR B 106 24.21 8.74 -4.48
CA TYR B 106 23.78 9.33 -3.21
C TYR B 106 24.13 8.43 -2.02
N LEU B 107 23.81 7.16 -2.16
CA LEU B 107 24.10 6.17 -1.12
C LEU B 107 25.60 6.04 -0.87
N GLN B 108 26.41 6.13 -1.92
CA GLN B 108 27.86 6.09 -1.75
C GLN B 108 28.36 7.34 -1.03
N ALA B 109 27.78 8.49 -1.37
CA ALA B 109 28.23 9.76 -0.82
C ALA B 109 27.79 9.96 0.62
N HIS B 110 26.62 9.43 0.98
CA HIS B 110 26.00 9.72 2.28
C HIS B 110 25.77 8.48 3.17
N ALA B 111 26.52 7.42 2.92
CA ALA B 111 26.33 6.12 3.60
C ALA B 111 26.30 6.24 5.14
N GLU B 112 27.08 7.17 5.68
CA GLU B 112 27.19 7.39 7.13
C GLU B 112 25.87 7.77 7.80
N ARG B 113 25.08 8.58 7.11
CA ARG B 113 23.80 9.08 7.65
C ARG B 113 22.60 8.20 7.22
N ILE B 114 22.84 7.14 6.44
CA ILE B 114 21.75 6.32 5.92
C ILE B 114 21.72 4.98 6.67
N ASP B 115 20.67 4.77 7.46
CA ASP B 115 20.57 3.54 8.26
C ASP B 115 19.61 2.56 7.58
N HIS B 116 19.36 1.41 8.20
CA HIS B 116 18.58 0.38 7.55
C HIS B 116 17.12 0.79 7.42
N ILE B 117 16.62 1.54 8.41
CA ILE B 117 15.26 2.03 8.31
C ILE B 117 15.10 2.89 7.07
N LYS B 118 16.06 3.77 6.82
CA LYS B 118 16.04 4.60 5.61
C LYS B 118 16.13 3.79 4.30
N LEU B 119 17.00 2.78 4.27
CA LEU B 119 17.07 1.91 3.09
C LEU B 119 15.70 1.28 2.78
N LEU B 120 14.98 0.88 3.82
CA LEU B 120 13.67 0.27 3.62
C LEU B 120 12.60 1.31 3.23
N GLN B 121 12.79 2.56 3.61
CA GLN B 121 11.94 3.64 3.08
C GLN B 121 12.12 3.72 1.57
N TYR B 122 13.36 3.77 1.11
CA TYR B 122 13.61 3.82 -0.34
C TYR B 122 13.02 2.59 -1.00
N THR B 123 13.22 1.43 -0.38
CA THR B 123 12.81 0.15 -0.95
C THR B 123 11.31 0.19 -1.23
N SER B 124 10.52 0.58 -0.23
CA SER B 124 9.06 0.52 -0.41
C SER B 124 8.57 1.53 -1.45
N GLN B 125 9.23 2.68 -1.56
CA GLN B 125 8.93 3.69 -2.58
C GLN B 125 9.21 3.19 -4.00
N ILE B 126 10.33 2.49 -4.19
CA ILE B 126 10.57 1.80 -5.47
C ILE B 126 9.42 0.79 -5.77
N CYS B 127 8.99 0.01 -4.78
CA CYS B 127 7.88 -0.93 -5.00
C CYS B 127 6.57 -0.29 -5.42
N LYS B 128 6.26 0.85 -4.81
CA LYS B 128 5.01 1.50 -5.12
C LYS B 128 5.07 2.11 -6.52
N GLY B 129 6.24 2.61 -6.90
CA GLY B 129 6.45 3.07 -8.26
C GLY B 129 6.25 1.97 -9.28
N MET B 130 6.82 0.80 -8.99
CA MET B 130 6.73 -0.36 -9.87
C MET B 130 5.31 -0.93 -9.89
N GLU B 131 4.67 -0.94 -8.74
CA GLU B 131 3.31 -1.39 -8.65
C GLU B 131 2.46 -0.58 -9.63
N TYR B 132 2.69 0.73 -9.67
CA TYR B 132 1.93 1.62 -10.55
C TYR B 132 2.25 1.37 -12.03
N LEU B 133 3.51 1.09 -12.34
CA LEU B 133 3.89 0.67 -13.70
C LEU B 133 3.15 -0.57 -14.17
N GLY B 134 3.11 -1.59 -13.31
CA GLY B 134 2.41 -2.82 -13.64
C GLY B 134 0.95 -2.56 -13.98
N THR B 135 0.37 -1.57 -13.33
CA THR B 135 -1.00 -1.11 -13.60
C THR B 135 -1.19 -0.67 -15.07
N LYS B 136 -0.15 -0.08 -15.65
CA LYS B 136 -0.20 0.40 -17.02
C LYS B 136 0.40 -0.66 -17.98
N ARG B 137 0.70 -1.85 -17.44
CA ARG B 137 1.22 -2.98 -18.22
C ARG B 137 2.53 -2.63 -18.89
N TYR B 138 3.36 -1.84 -18.20
CA TYR B 138 4.70 -1.47 -18.64
C TYR B 138 5.73 -2.32 -17.87
N ILE B 139 6.73 -2.82 -18.59
CA ILE B 139 7.80 -3.61 -18.02
C ILE B 139 9.05 -2.73 -18.09
N HIS B 140 9.69 -2.48 -16.95
CA HIS B 140 10.77 -1.48 -16.89
C HIS B 140 12.04 -2.00 -17.53
N ARG B 141 12.36 -3.26 -17.21
CA ARG B 141 13.49 -4.00 -17.77
C ARG B 141 14.85 -3.59 -17.26
N ASP B 142 14.94 -2.45 -16.56
CA ASP B 142 16.24 -1.90 -16.18
C ASP B 142 16.21 -1.34 -14.76
N LEU B 143 15.52 -2.06 -13.86
CA LEU B 143 15.46 -1.66 -12.48
C LEU B 143 16.83 -1.93 -11.82
N ALA B 144 17.52 -0.84 -11.47
CA ALA B 144 18.83 -0.88 -10.84
C ALA B 144 19.01 0.46 -10.09
N THR B 145 19.83 0.50 -9.04
CA THR B 145 20.01 1.76 -8.28
C THR B 145 20.52 2.93 -9.14
N ARG B 146 21.26 2.63 -10.21
CA ARG B 146 21.73 3.69 -11.13
C ARG B 146 20.57 4.42 -11.85
N ASN B 147 19.37 3.81 -11.86
CA ASN B 147 18.21 4.33 -12.58
C ASN B 147 17.13 4.88 -11.67
N ILE B 148 17.46 5.04 -10.38
CA ILE B 148 16.60 5.65 -9.40
C ILE B 148 17.22 6.98 -8.98
N LEU B 149 16.39 8.01 -8.84
CA LEU B 149 16.82 9.37 -8.48
C LEU B 149 16.32 9.79 -7.09
N VAL B 150 17.12 10.62 -6.41
CA VAL B 150 16.79 11.10 -5.07
C VAL B 150 16.27 12.54 -5.14
N GLU B 151 15.05 12.75 -4.67
CA GLU B 151 14.39 14.06 -4.72
C GLU B 151 14.80 14.86 -3.49
N ASN B 152 14.65 14.24 -2.33
CA ASN B 152 15.09 14.79 -1.05
C ASN B 152 15.36 13.60 -0.13
N GLU B 153 15.73 13.83 1.13
CA GLU B 153 16.11 12.71 2.02
C GLU B 153 14.96 11.75 2.31
N ASN B 154 13.73 12.15 2.03
CA ASN B 154 12.57 11.28 2.25
C ASN B 154 11.91 10.74 0.98
N ARG B 155 12.42 11.07 -0.19
CA ARG B 155 11.79 10.57 -1.41
C ARG B 155 12.71 10.28 -2.59
N VAL B 156 12.55 9.06 -3.14
CA VAL B 156 13.21 8.65 -4.37
C VAL B 156 12.18 8.40 -5.50
N LYS B 157 12.68 8.43 -6.73
CA LYS B 157 11.85 8.30 -7.92
C LYS B 157 12.58 7.42 -8.94
N ILE B 158 11.82 6.54 -9.59
CA ILE B 158 12.36 5.82 -10.74
C ILE B 158 12.58 6.89 -11.82
N GLY B 159 13.80 6.96 -12.33
CA GLY B 159 14.24 8.10 -13.11
C GLY B 159 14.59 7.93 -14.59
N ASP B 160 14.61 6.70 -15.10
CA ASP B 160 14.88 6.46 -16.52
C ASP B 160 14.08 5.28 -17.06
N PHE B 161 13.52 5.47 -18.26
CA PHE B 161 12.61 4.52 -18.86
C PHE B 161 13.02 4.12 -20.28
N GLY B 162 14.32 4.14 -20.52
CA GLY B 162 14.89 3.90 -21.83
C GLY B 162 14.71 2.49 -22.37
N LEU B 163 14.57 1.51 -21.49
CA LEU B 163 14.35 0.12 -21.90
C LEU B 163 12.91 -0.35 -21.72
N THR B 164 12.02 0.52 -21.28
CA THR B 164 10.66 0.11 -20.93
C THR B 164 9.85 -0.32 -22.17
N LYS B 165 9.17 -1.46 -22.04
CA LYS B 165 8.32 -2.02 -23.08
C LYS B 165 6.90 -2.11 -22.56
N VAL B 166 5.93 -2.13 -23.49
CA VAL B 166 4.51 -2.28 -23.18
C VAL B 166 4.08 -3.70 -23.48
N LEU B 167 3.40 -4.35 -22.55
CA LEU B 167 2.94 -5.70 -22.79
C LEU B 167 1.95 -5.71 -23.94
N PRO B 168 2.01 -6.74 -24.80
CA PRO B 168 0.93 -6.88 -25.79
C PRO B 168 -0.40 -7.11 -25.07
N GLN B 169 -1.50 -6.86 -25.76
CA GLN B 169 -2.83 -6.92 -25.14
C GLN B 169 -3.13 -8.31 -24.54
N ASP B 170 -2.67 -9.36 -25.22
CA ASP B 170 -3.04 -10.74 -24.90
C ASP B 170 -1.92 -11.60 -24.30
N LYS B 171 -0.81 -10.99 -23.92
CA LYS B 171 0.32 -11.72 -23.32
C LYS B 171 0.75 -11.10 -22.00
N GLU B 172 1.26 -11.94 -21.12
CA GLU B 172 1.88 -11.48 -19.87
C GLU B 172 3.40 -11.30 -19.95
N PTR B 173 3.96 -11.34 -21.15
CA PTR B 173 5.38 -11.05 -21.30
C PTR B 173 5.60 -10.30 -22.61
O PTR B 173 4.72 -10.25 -23.48
CB PTR B 173 6.25 -12.33 -21.21
CG PTR B 173 5.99 -13.26 -22.36
CD1 PTR B 173 6.62 -13.04 -23.58
CD2 PTR B 173 5.09 -14.33 -22.26
CE1 PTR B 173 6.37 -13.86 -24.67
CE2 PTR B 173 4.83 -15.16 -23.35
CZ PTR B 173 5.48 -14.91 -24.56
OH PTR B 173 5.35 -15.58 -25.60
P PTR B 173 4.76 -17.06 -25.74
O1P PTR B 173 3.30 -16.92 -25.75
O2P PTR B 173 5.27 -17.96 -24.58
O3P PTR B 173 5.23 -17.64 -27.07
N PTR B 174 6.78 -9.72 -22.73
CA PTR B 174 7.22 -9.13 -23.94
C PTR B 174 8.53 -9.80 -24.34
O PTR B 174 9.48 -9.84 -23.56
CB PTR B 174 7.38 -7.65 -23.68
CG PTR B 174 7.80 -6.88 -24.90
CD1 PTR B 174 6.88 -6.18 -25.68
CD2 PTR B 174 9.12 -6.91 -25.31
CE1 PTR B 174 7.29 -5.51 -26.82
CE2 PTR B 174 9.54 -6.25 -26.42
CZ PTR B 174 8.64 -5.55 -27.17
OH PTR B 174 9.15 -5.01 -28.14
P PTR B 174 8.39 -4.10 -29.21
O1P PTR B 174 7.54 -5.04 -29.94
O2P PTR B 174 9.49 -3.47 -30.06
O3P PTR B 174 7.58 -3.03 -28.48
N LYS B 175 8.56 -10.33 -25.57
CA LYS B 175 9.78 -10.92 -26.14
C LYS B 175 10.57 -9.83 -26.88
N VAL B 176 11.75 -9.47 -26.39
CA VAL B 176 12.55 -8.47 -27.08
C VAL B 176 13.58 -9.14 -28.00
N LYS B 177 13.81 -8.55 -29.17
CA LYS B 177 14.99 -8.87 -29.98
C LYS B 177 15.77 -7.61 -30.33
N GLU B 178 16.94 -7.46 -29.70
CA GLU B 178 17.78 -6.28 -29.87
C GLU B 178 19.10 -6.64 -30.57
N GLY B 180 22.70 -3.43 -28.83
CA GLY B 180 22.31 -2.76 -27.58
C GLY B 180 22.56 -3.62 -26.36
N GLU B 181 23.54 -3.22 -25.55
CA GLU B 181 23.98 -4.00 -24.39
C GLU B 181 22.85 -4.32 -23.39
N SER B 182 23.00 -5.43 -22.67
CA SER B 182 22.02 -5.89 -21.69
C SER B 182 22.66 -5.97 -20.29
N PRO B 183 21.96 -5.46 -19.25
CA PRO B 183 22.49 -5.57 -17.87
C PRO B 183 22.23 -6.97 -17.32
N ILE B 184 22.94 -7.96 -17.86
CA ILE B 184 22.71 -9.37 -17.59
C ILE B 184 22.72 -9.77 -16.12
N PHE B 185 23.45 -9.02 -15.30
CA PHE B 185 23.62 -9.40 -13.89
C PHE B 185 22.38 -8.97 -13.05
N TRP B 186 21.45 -8.24 -13.67
CA TRP B 186 20.15 -7.93 -13.06
C TRP B 186 19.01 -8.75 -13.68
N TYR B 187 19.33 -9.62 -14.64
CA TYR B 187 18.29 -10.25 -15.48
C TYR B 187 17.78 -11.55 -14.90
N ALA B 188 16.47 -11.77 -14.99
CA ALA B 188 15.87 -13.04 -14.63
C ALA B 188 16.38 -14.11 -15.61
N PRO B 189 16.41 -15.38 -15.19
CA PRO B 189 16.89 -16.49 -16.05
C PRO B 189 16.16 -16.56 -17.40
N GLU B 190 14.82 -16.51 -17.38
CA GLU B 190 14.01 -16.52 -18.59
C GLU B 190 14.24 -15.29 -19.48
N SER B 191 14.80 -14.22 -18.92
CA SER B 191 15.14 -13.05 -19.72
C SER B 191 16.46 -13.30 -20.45
N LEU B 192 17.38 -14.03 -19.81
CA LEU B 192 18.63 -14.47 -20.43
C LEU B 192 18.37 -15.56 -21.48
N THR B 193 17.63 -16.60 -21.16
CA THR B 193 17.46 -17.74 -22.06
C THR B 193 16.39 -17.59 -23.16
N GLU B 194 15.35 -16.78 -22.94
CA GLU B 194 14.25 -16.63 -23.92
C GLU B 194 13.94 -15.18 -24.31
N SER B 195 14.75 -14.24 -23.85
CA SER B 195 14.48 -12.80 -23.99
C SER B 195 13.04 -12.38 -23.56
N LYS B 196 12.49 -13.09 -22.56
CA LYS B 196 11.16 -12.79 -22.02
C LYS B 196 11.20 -11.80 -20.86
N PHE B 197 10.44 -10.72 -21.00
CA PHE B 197 10.34 -9.73 -19.94
C PHE B 197 8.90 -9.58 -19.48
N SER B 198 8.73 -9.49 -18.18
CA SER B 198 7.40 -9.48 -17.58
C SER B 198 7.45 -8.76 -16.24
N VAL B 199 6.28 -8.62 -15.59
CA VAL B 199 6.28 -8.06 -14.23
C VAL B 199 7.20 -8.89 -13.30
N ALA B 200 7.14 -10.20 -13.44
CA ALA B 200 7.93 -11.11 -12.64
C ALA B 200 9.45 -11.00 -12.88
N SER B 201 9.87 -10.65 -14.09
CA SER B 201 11.29 -10.33 -14.32
C SER B 201 11.69 -8.99 -13.71
N ASP B 202 10.78 -8.00 -13.70
CA ASP B 202 11.03 -6.77 -12.95
C ASP B 202 11.20 -7.09 -11.46
N VAL B 203 10.44 -8.07 -10.96
CA VAL B 203 10.51 -8.43 -9.56
C VAL B 203 11.87 -9.04 -9.23
N TRP B 204 12.33 -9.98 -10.07
CA TRP B 204 13.69 -10.51 -9.97
C TRP B 204 14.70 -9.35 -9.87
N SER B 205 14.65 -8.40 -10.81
CA SER B 205 15.55 -7.25 -10.78
C SER B 205 15.42 -6.43 -9.51
N PHE B 206 14.20 -6.30 -8.99
CA PHE B 206 13.99 -5.57 -7.74
C PHE B 206 14.75 -6.24 -6.59
N GLY B 207 14.82 -7.58 -6.60
CA GLY B 207 15.63 -8.31 -5.62
C GLY B 207 17.11 -7.92 -5.69
N VAL B 208 17.65 -7.75 -6.89
CA VAL B 208 19.03 -7.30 -7.05
C VAL B 208 19.18 -5.86 -6.54
N VAL B 209 18.20 -4.99 -6.81
CA VAL B 209 18.18 -3.64 -6.19
C VAL B 209 18.29 -3.66 -4.69
N LEU B 210 17.46 -4.49 -4.06
CA LEU B 210 17.49 -4.68 -2.61
C LEU B 210 18.86 -5.14 -2.13
N TYR B 211 19.46 -6.06 -2.88
CA TYR B 211 20.84 -6.48 -2.59
C TYR B 211 21.79 -5.29 -2.70
N GLU B 212 21.69 -4.51 -3.78
CA GLU B 212 22.52 -3.32 -3.98
C GLU B 212 22.46 -2.40 -2.79
N LEU B 213 21.23 -2.06 -2.38
CA LEU B 213 21.00 -1.20 -1.22
C LEU B 213 21.71 -1.67 0.05
N PHE B 214 21.56 -2.95 0.40
CA PHE B 214 22.13 -3.42 1.63
C PHE B 214 23.64 -3.64 1.53
N THR B 215 24.21 -3.61 0.33
CA THR B 215 25.68 -3.53 0.21
C THR B 215 26.23 -2.10 0.35
N TYR B 216 25.34 -1.09 0.39
CA TYR B 216 25.74 0.33 0.39
C TYR B 216 26.65 0.68 -0.80
N ILE B 217 26.41 -0.01 -1.91
CA ILE B 217 27.28 0.01 -3.09
C ILE B 217 28.77 -0.10 -2.73
N GLU B 218 29.09 -0.97 -1.78
CA GLU B 218 30.47 -1.16 -1.33
C GLU B 218 31.39 -1.66 -2.44
N LYS B 219 32.69 -1.33 -2.30
CA LYS B 219 33.74 -1.77 -3.20
C LYS B 219 33.80 -3.28 -3.28
N SER B 220 33.65 -3.83 -4.48
CA SER B 220 33.88 -5.25 -4.68
C SER B 220 32.66 -6.14 -4.44
N LYS B 221 31.50 -5.57 -4.09
CA LYS B 221 30.31 -6.35 -3.78
C LYS B 221 29.20 -6.14 -4.79
N SER B 222 29.46 -5.39 -5.87
CA SER B 222 28.44 -5.20 -6.89
C SER B 222 28.01 -6.56 -7.51
N PRO B 223 26.79 -6.61 -8.04
CA PRO B 223 26.35 -7.85 -8.70
C PRO B 223 27.29 -8.39 -9.81
N PRO B 224 27.81 -7.54 -10.72
CA PRO B 224 28.78 -8.08 -11.66
C PRO B 224 30.05 -8.64 -11.00
N ALA B 225 30.60 -7.95 -10.00
CA ALA B 225 31.79 -8.50 -9.31
C ALA B 225 31.50 -9.82 -8.62
N GLU B 226 30.36 -9.92 -7.94
CA GLU B 226 30.02 -11.12 -7.19
C GLU B 226 29.69 -12.28 -8.12
N PHE B 227 28.88 -12.03 -9.15
CA PHE B 227 28.59 -13.09 -10.11
C PHE B 227 29.86 -13.57 -10.85
N MET B 228 30.74 -12.64 -11.21
CA MET B 228 31.96 -13.03 -11.91
C MET B 228 32.86 -13.92 -11.04
N ARG B 229 32.90 -13.68 -9.73
CA ARG B 229 33.68 -14.58 -8.86
C ARG B 229 33.04 -15.97 -8.78
N MET B 230 31.72 -16.04 -8.69
CA MET B 230 31.01 -17.33 -8.64
C MET B 230 31.14 -18.14 -9.92
N ILE B 231 31.30 -17.45 -11.04
CA ILE B 231 31.44 -18.08 -12.34
C ILE B 231 32.91 -18.38 -12.66
N GLY B 232 33.81 -17.53 -12.17
CA GLY B 232 35.24 -17.58 -12.52
C GLY B 232 35.54 -16.35 -13.37
N ASN B 233 36.38 -15.46 -12.87
CA ASN B 233 36.81 -14.28 -13.66
C ASN B 233 37.56 -14.67 -14.94
N ASP B 234 38.04 -15.91 -15.00
CA ASP B 234 38.67 -16.49 -16.19
C ASP B 234 37.70 -16.73 -17.38
N LYS B 235 36.39 -16.53 -17.18
CA LYS B 235 35.43 -16.64 -18.28
C LYS B 235 35.35 -15.26 -18.94
N GLN B 236 35.32 -15.22 -20.27
CA GLN B 236 35.21 -13.94 -20.99
C GLN B 236 34.19 -13.90 -22.12
N GLY B 237 33.86 -12.67 -22.51
CA GLY B 237 32.96 -12.35 -23.62
C GLY B 237 31.80 -13.30 -23.82
N GLN B 238 31.96 -14.16 -24.84
CA GLN B 238 30.88 -15.00 -25.34
C GLN B 238 30.55 -16.18 -24.44
N MET B 239 31.44 -16.55 -23.51
CA MET B 239 31.17 -17.67 -22.58
C MET B 239 30.40 -17.28 -21.28
N ILE B 240 30.46 -16.02 -20.89
CA ILE B 240 29.92 -15.57 -19.61
C ILE B 240 28.42 -15.84 -19.43
N VAL B 241 27.62 -15.51 -20.44
CA VAL B 241 26.17 -15.67 -20.35
C VAL B 241 25.74 -17.10 -20.14
N PHE B 242 26.36 -18.03 -20.89
CA PHE B 242 26.06 -19.43 -20.67
C PHE B 242 26.38 -19.87 -19.22
N HIS B 243 27.52 -19.44 -18.66
CA HIS B 243 27.89 -19.82 -17.29
C HIS B 243 27.01 -19.18 -16.21
N LEU B 244 26.63 -17.92 -16.42
CA LEU B 244 25.64 -17.28 -15.58
C LEU B 244 24.29 -18.02 -15.57
N ILE B 245 23.77 -18.34 -16.74
CA ILE B 245 22.53 -19.13 -16.88
C ILE B 245 22.62 -20.46 -16.15
N GLU B 246 23.74 -21.15 -16.30
CA GLU B 246 23.96 -22.42 -15.58
C GLU B 246 23.96 -22.25 -14.07
N LEU B 247 24.68 -21.25 -13.60
CA LEU B 247 24.76 -20.92 -12.17
C LEU B 247 23.36 -20.69 -11.62
N LEU B 248 22.57 -19.89 -12.33
CA LEU B 248 21.23 -19.56 -11.85
C LEU B 248 20.37 -20.82 -11.82
N LYS B 249 20.53 -21.66 -12.84
CA LYS B 249 19.75 -22.91 -12.95
C LYS B 249 20.06 -23.84 -11.82
N ASN B 250 21.32 -23.85 -11.38
CA ASN B 250 21.76 -24.69 -10.25
C ASN B 250 21.61 -23.99 -8.90
N ASN B 251 20.77 -22.98 -8.87
CA ASN B 251 20.51 -22.21 -7.67
C ASN B 251 21.67 -21.45 -7.02
N GLY B 252 22.66 -21.06 -7.81
CA GLY B 252 23.66 -20.10 -7.33
C GLY B 252 22.99 -18.73 -7.25
N ARG B 253 23.29 -17.99 -6.18
CA ARG B 253 22.64 -16.70 -5.91
C ARG B 253 23.64 -15.72 -5.33
N LEU B 254 23.40 -14.42 -5.54
CA LEU B 254 24.14 -13.42 -4.78
C LEU B 254 24.09 -13.69 -3.26
N PRO B 255 25.21 -13.41 -2.56
CA PRO B 255 25.28 -13.71 -1.14
C PRO B 255 24.53 -12.68 -0.29
N ARG B 256 24.27 -13.03 0.96
CA ARG B 256 23.67 -12.10 1.91
C ARG B 256 24.69 -11.02 2.24
N PRO B 257 24.34 -9.74 1.98
CA PRO B 257 25.30 -8.69 2.35
C PRO B 257 25.56 -8.67 3.86
N ASP B 258 26.77 -8.26 4.24
CA ASP B 258 27.11 -8.19 5.66
C ASP B 258 26.17 -7.15 6.30
N GLY B 259 25.64 -7.51 7.45
CA GLY B 259 24.70 -6.64 8.12
C GLY B 259 23.27 -6.72 7.61
N CYS B 260 23.03 -7.47 6.52
CA CYS B 260 21.66 -7.63 6.00
C CYS B 260 20.87 -8.60 6.88
N PRO B 261 19.74 -8.16 7.43
CA PRO B 261 18.98 -9.11 8.25
C PRO B 261 18.42 -10.31 7.49
N ASP B 262 18.36 -11.46 8.17
CA ASP B 262 17.70 -12.67 7.67
C ASP B 262 16.41 -12.36 6.89
N GLU B 263 15.50 -11.63 7.52
CA GLU B 263 14.18 -11.39 6.94
C GLU B 263 14.23 -10.60 5.61
N ILE B 264 15.22 -9.73 5.44
CA ILE B 264 15.38 -9.00 4.17
C ILE B 264 16.06 -9.87 3.11
N TYR B 265 17.00 -10.71 3.51
CA TYR B 265 17.62 -11.66 2.55
C TYR B 265 16.59 -12.69 2.06
N MET B 266 15.60 -13.02 2.89
CA MET B 266 14.55 -13.94 2.49
C MET B 266 13.66 -13.31 1.41
N ILE B 267 13.44 -12.00 1.50
CA ILE B 267 12.74 -11.29 0.44
C ILE B 267 13.53 -11.36 -0.88
N MET B 268 14.83 -11.10 -0.83
CA MET B 268 15.67 -11.18 -2.02
C MET B 268 15.55 -12.57 -2.64
N THR B 269 15.67 -13.60 -1.81
CA THR B 269 15.67 -15.01 -2.26
C THR B 269 14.35 -15.40 -2.91
N GLU B 270 13.24 -14.87 -2.38
CA GLU B 270 11.91 -15.06 -3.01
C GLU B 270 11.74 -14.38 -4.37
N CYS B 271 12.31 -13.18 -4.53
CA CYS B 271 12.33 -12.49 -5.80
C CYS B 271 13.15 -13.29 -6.81
N TRP B 272 14.21 -13.93 -6.35
CA TRP B 272 15.07 -14.74 -7.23
C TRP B 272 14.60 -16.21 -7.42
N ASN B 273 13.29 -16.46 -7.46
CA ASN B 273 12.76 -17.79 -7.78
C ASN B 273 12.90 -18.11 -9.29
N ASN B 274 13.45 -19.27 -9.63
CA ASN B 274 13.46 -19.72 -11.04
C ASN B 274 12.05 -19.87 -11.60
N ASN B 275 11.11 -20.25 -10.76
CA ASN B 275 9.71 -20.35 -11.15
C ASN B 275 9.10 -18.95 -11.12
N VAL B 276 8.83 -18.43 -12.31
CA VAL B 276 8.26 -17.09 -12.49
C VAL B 276 7.00 -16.81 -11.68
N ASN B 277 6.10 -17.79 -11.63
CA ASN B 277 4.79 -17.61 -10.99
C ASN B 277 4.81 -17.58 -9.48
N GLN B 278 5.92 -18.02 -8.88
CA GLN B 278 6.05 -18.02 -7.43
C GLN B 278 6.73 -16.78 -6.88
N ARG B 279 7.19 -15.87 -7.74
CA ARG B 279 7.78 -14.63 -7.28
C ARG B 279 6.64 -13.75 -6.73
N PRO B 280 6.90 -13.00 -5.66
CA PRO B 280 5.79 -12.21 -5.09
C PRO B 280 5.44 -11.03 -5.97
N SER B 281 4.32 -10.36 -5.63
CA SER B 281 3.88 -9.14 -6.31
C SER B 281 4.51 -7.92 -5.67
N PHE B 282 4.61 -6.83 -6.42
CA PHE B 282 5.15 -5.58 -5.85
C PHE B 282 4.28 -5.03 -4.71
N ARG B 283 2.97 -5.24 -4.81
CA ARG B 283 2.06 -4.79 -3.76
C ARG B 283 2.32 -5.48 -2.43
N ASP B 284 2.51 -6.80 -2.46
CA ASP B 284 2.92 -7.53 -1.27
C ASP B 284 4.31 -7.11 -0.75
N LEU B 285 5.25 -6.88 -1.65
CA LEU B 285 6.60 -6.52 -1.24
C LEU B 285 6.57 -5.18 -0.50
N ALA B 286 5.88 -4.21 -1.08
CA ALA B 286 5.66 -2.91 -0.41
C ALA B 286 5.17 -3.11 1.01
N LEU B 287 4.18 -3.98 1.19
CA LEU B 287 3.58 -4.19 2.50
C LEU B 287 4.52 -4.91 3.46
N ARG B 288 5.18 -5.97 3.01
CA ARG B 288 6.14 -6.70 3.86
C ARG B 288 7.33 -5.84 4.28
N VAL B 289 7.82 -5.01 3.39
CA VAL B 289 8.94 -4.12 3.73
C VAL B 289 8.49 -3.06 4.77
N ASP B 290 7.29 -2.51 4.58
CA ASP B 290 6.78 -1.49 5.52
C ASP B 290 6.64 -2.06 6.93
N GLN B 291 6.26 -3.33 7.01
CA GLN B 291 6.12 -4.02 8.28
C GLN B 291 7.48 -4.30 8.92
N ILE B 292 8.44 -4.76 8.12
CA ILE B 292 9.78 -4.94 8.65
C ILE B 292 10.33 -3.60 9.14
N ARG B 293 10.15 -2.56 8.33
CA ARG B 293 10.61 -1.20 8.66
C ARG B 293 10.04 -0.71 10.01
N ASP B 294 8.78 -1.08 10.28
CA ASP B 294 8.11 -0.66 11.51
C ASP B 294 8.60 -1.47 12.72
N ASN B 295 8.70 -2.80 12.56
CA ASN B 295 9.29 -3.67 13.59
C ASN B 295 10.70 -3.23 13.98
N MET B 296 11.39 -2.56 13.06
CA MET B 296 12.78 -2.15 13.26
C MET B 296 12.93 -0.86 14.10
N ALA B 297 11.92 0.00 14.04
CA ALA B 297 11.93 1.31 14.71
C ALA B 297 11.46 1.20 16.16
C3 AZ5 C . -13.06 7.33 3.15
C19 AZ5 C . -14.62 5.87 6.71
C21 AZ5 C . -16.60 4.85 6.00
C10 AZ5 C . -17.79 7.19 0.48
C20 AZ5 C . -15.39 4.74 6.65
C9 AZ5 C . -16.38 7.03 0.21
C2 AZ5 C . -11.74 7.24 3.53
C4 AZ5 C . -13.07 7.01 1.75
C8 AZ5 C . -15.50 7.16 1.20
C17 AZ5 C . -16.20 7.01 5.56
C12 AZ5 C . -17.18 7.68 2.64
C1 AZ5 C . -11.06 7.46 4.81
C16 AZ5 C . -17.33 9.09 6.05
C15 AZ5 C . -16.63 8.30 4.97
N18 AZ5 C . -15.00 7.03 6.17
N22 AZ5 C . -17.03 5.97 5.44
N11 AZ5 C . -18.10 7.56 1.75
N13 AZ5 C . -15.85 7.46 2.37
N5 AZ5 C . -11.84 6.75 1.33
N6 AZ5 C . -11.05 6.89 2.41
N7 AZ5 C . -14.17 6.96 0.94
N14 AZ5 C . -17.57 8.08 3.89
F23 AZ5 C . -14.99 3.59 7.21
CL2 AZ5 C . -15.97 6.61 -1.41
C3 AZ5 D . 18.02 13.47 -13.93
C19 AZ5 D . 18.39 9.35 -14.63
C21 AZ5 D . 20.03 8.61 -13.13
C10 AZ5 D . 22.81 13.75 -11.36
C20 AZ5 D . 18.75 8.50 -13.61
C9 AZ5 D . 21.48 14.31 -11.24
C2 AZ5 D . 16.71 13.57 -14.33
C4 AZ5 D . 18.14 14.27 -12.77
C8 AZ5 D . 20.53 13.94 -12.12
C17 AZ5 D . 20.44 10.25 -14.62
C12 AZ5 D . 22.04 12.55 -13.17
C1 AZ5 D . 15.96 12.97 -15.46
C16 AZ5 D . 22.10 10.48 -16.28
C15 AZ5 D . 21.38 11.24 -15.19
N18 AZ5 D . 19.23 10.23 -15.17
N22 AZ5 D . 20.92 9.48 -13.63
N11 AZ5 D . 23.00 12.85 -12.37
N13 AZ5 D . 20.78 13.11 -13.04
N5 AZ5 D . 16.95 14.84 -12.48
N6 AZ5 D . 16.11 14.40 -13.43
N7 AZ5 D . 19.26 14.47 -12.01
N14 AZ5 D . 22.32 11.66 -14.17
F23 AZ5 D . 17.89 7.61 -13.09
CL2 AZ5 D . 21.25 15.43 -9.93
#